data_6F4T
#
_entry.id   6F4T
#
_cell.length_a   49.137
_cell.length_b   65.169
_cell.length_c   78.446
_cell.angle_alpha   90.00
_cell.angle_beta   90.00
_cell.angle_gamma   90.00
#
_symmetry.space_group_name_H-M   'P 21 21 21'
#
loop_
_entity.id
_entity.type
_entity.pdbx_description
1 polymer 'JmjC domain-containing protein 5'
2 polymer 'RCC1 domain-containing protein 1'
3 non-polymer 'MANGANESE (II) ION'
4 non-polymer N-OXALYLGLYCINE
5 non-polymer GLYCEROL
6 non-polymer 2-AMINO-2-HYDROXYMETHYL-PROPANE-1,3-DIOL
7 water water
#
loop_
_entity_poly.entity_id
_entity_poly.type
_entity_poly.pdbx_seq_one_letter_code
_entity_poly.pdbx_strand_id
1 'polypeptide(L)'
;HHHHHHSSGVDLGTENLYFQSTVPRLHRPSLQHFREQFLVPGRPVILKGVADHWPAMQKWSLEYIQEIAGARTVPVEVGS
RYTDEEWSQTLMTVNEFISKYIVNEPRDVGYLAQHQLFDQIPELKQDISIPDYCSLGDGEEEEITINAWFGPQGTISPLH
QDPQQNFLVQVMGRKYIRLYSPQESGALYPHDTHLLHNTSQVDVENPDLEKFPKFAKAPFLSCILSPGEILFIPVKYWHY
VRALDLSFSVSF(CSO)WS
;
A
2 'polypeptide(L)' CARAY B
#
# COMPACT_ATOMS: atom_id res chain seq x y z
N SER A 21 -15.48 -10.53 -6.47
CA SER A 21 -15.61 -9.63 -7.61
C SER A 21 -14.32 -8.79 -7.75
N THR A 22 -14.20 -8.06 -8.83
CA THR A 22 -12.99 -7.29 -9.12
C THR A 22 -13.31 -5.83 -8.83
N VAL A 23 -12.31 -5.12 -8.46
CA VAL A 23 -12.46 -3.67 -8.25
C VAL A 23 -12.69 -3.00 -9.59
N PRO A 24 -13.66 -2.14 -9.72
CA PRO A 24 -13.88 -1.45 -10.98
C PRO A 24 -12.77 -0.52 -11.37
N ARG A 25 -12.48 -0.35 -12.65
CA ARG A 25 -11.52 0.57 -13.20
C ARG A 25 -12.25 1.67 -13.97
N LEU A 26 -11.99 2.94 -13.64
CA LEU A 26 -12.57 4.08 -14.31
C LEU A 26 -11.44 4.97 -14.80
N HIS A 27 -11.61 5.51 -15.99
CA HIS A 27 -10.65 6.43 -16.55
C HIS A 27 -11.03 7.85 -16.16
N ARG A 28 -10.17 8.52 -15.40
N ARG A 28 -10.16 8.49 -15.38
CA ARG A 28 -10.29 9.93 -15.05
CA ARG A 28 -10.24 9.89 -14.96
C ARG A 28 -11.74 10.33 -14.76
C ARG A 28 -11.69 10.33 -14.73
N PRO A 29 -12.39 9.74 -13.77
CA PRO A 29 -13.75 10.18 -13.48
C PRO A 29 -13.76 11.62 -12.96
N SER A 30 -14.86 12.32 -13.16
CA SER A 30 -14.97 13.66 -12.61
C SER A 30 -14.90 13.62 -11.08
N LEU A 31 -14.55 14.75 -10.48
CA LEU A 31 -14.59 14.91 -9.03
C LEU A 31 -15.92 14.55 -8.47
N GLN A 32 -17.00 15.05 -9.09
CA GLN A 32 -18.31 14.78 -8.59
C GLN A 32 -18.67 13.31 -8.65
N HIS A 33 -18.37 12.66 -9.78
CA HIS A 33 -18.65 11.23 -9.91
C HIS A 33 -17.90 10.44 -8.85
N PHE A 34 -16.60 10.74 -8.66
CA PHE A 34 -15.83 10.05 -7.62
C PHE A 34 -16.43 10.30 -6.25
N ARG A 35 -16.83 11.56 -5.98
N ARG A 35 -16.80 11.57 -5.98
CA ARG A 35 -17.35 11.85 -4.66
CA ARG A 35 -17.37 11.91 -4.68
C ARG A 35 -18.64 11.07 -4.41
C ARG A 35 -18.63 11.10 -4.41
N GLU A 36 -19.56 11.12 -5.38
CA GLU A 36 -20.87 10.55 -5.17
C GLU A 36 -20.92 9.05 -5.21
N GLN A 37 -20.16 8.41 -6.11
CA GLN A 37 -20.22 6.98 -6.31
C GLN A 37 -19.18 6.19 -5.53
N PHE A 38 -18.15 6.84 -4.99
CA PHE A 38 -17.05 6.08 -4.35
C PHE A 38 -16.71 6.66 -3.00
N LEU A 39 -16.40 7.98 -2.90
CA LEU A 39 -15.92 8.54 -1.66
C LEU A 39 -16.99 8.54 -0.57
N VAL A 40 -18.16 9.11 -0.87
CA VAL A 40 -19.23 9.12 0.12
C VAL A 40 -19.75 7.76 0.49
N PRO A 41 -20.04 6.85 -0.41
CA PRO A 41 -20.49 5.52 0.05
C PRO A 41 -19.35 4.65 0.59
N GLY A 42 -18.09 5.00 0.36
CA GLY A 42 -16.98 4.17 0.82
C GLY A 42 -16.76 2.93 -0.02
N ARG A 43 -16.74 3.09 -1.35
N ARG A 43 -16.78 3.08 -1.35
CA ARG A 43 -16.55 1.94 -2.26
CA ARG A 43 -16.55 1.96 -2.26
C ARG A 43 -15.24 2.00 -3.00
C ARG A 43 -15.18 2.05 -2.92
N PRO A 44 -14.46 0.92 -3.06
CA PRO A 44 -13.15 0.98 -3.74
C PRO A 44 -13.31 1.17 -5.23
N VAL A 45 -12.25 1.70 -5.86
CA VAL A 45 -12.20 1.87 -7.30
C VAL A 45 -10.74 2.02 -7.67
N ILE A 46 -10.40 1.67 -8.89
CA ILE A 46 -9.09 1.92 -9.50
C ILE A 46 -9.24 3.05 -10.50
N LEU A 47 -8.48 4.12 -10.34
CA LEU A 47 -8.46 5.25 -11.21
C LEU A 47 -7.33 5.10 -12.22
N LYS A 48 -7.71 5.13 -13.50
N LYS A 48 -7.73 5.20 -13.49
CA LYS A 48 -6.75 5.06 -14.58
CA LYS A 48 -6.82 5.10 -14.61
C LYS A 48 -6.67 6.44 -15.24
C LYS A 48 -6.66 6.48 -15.20
N GLY A 49 -5.55 6.68 -15.88
CA GLY A 49 -5.33 7.91 -16.59
C GLY A 49 -4.98 9.08 -15.73
N VAL A 50 -4.71 8.88 -14.46
CA VAL A 50 -4.40 9.92 -13.50
C VAL A 50 -2.89 9.94 -13.19
N ALA A 51 -2.35 8.85 -12.71
CA ALA A 51 -0.94 8.77 -12.35
C ALA A 51 -0.06 8.28 -13.48
N ASP A 52 -0.64 7.90 -14.60
CA ASP A 52 0.15 7.38 -15.69
C ASP A 52 1.05 8.45 -16.27
N HIS A 53 0.82 9.73 -16.02
N HIS A 53 0.74 9.73 -15.94
CA HIS A 53 1.80 10.70 -16.51
CA HIS A 53 1.47 10.94 -16.33
C HIS A 53 2.59 11.39 -15.37
C HIS A 53 2.62 11.34 -15.40
N TRP A 54 2.72 10.74 -14.22
CA TRP A 54 3.74 11.13 -13.29
C TRP A 54 5.10 10.92 -13.94
N PRO A 55 6.03 11.86 -13.79
CA PRO A 55 7.41 11.59 -14.24
C PRO A 55 8.00 10.28 -13.68
N ALA A 56 7.63 9.92 -12.45
CA ALA A 56 8.09 8.68 -11.85
C ALA A 56 7.88 7.50 -12.73
N MET A 57 6.77 7.44 -13.49
CA MET A 57 6.43 6.24 -14.28
C MET A 57 7.49 5.88 -15.27
N GLN A 58 8.18 6.90 -15.80
N GLN A 58 8.16 6.88 -15.83
CA GLN A 58 9.28 6.65 -16.72
CA GLN A 58 9.28 6.60 -16.73
C GLN A 58 10.65 6.72 -16.04
C GLN A 58 10.66 6.77 -16.09
N LYS A 59 10.80 7.56 -15.03
CA LYS A 59 12.11 7.83 -14.44
C LYS A 59 12.55 6.80 -13.41
N TRP A 60 11.62 6.22 -12.62
CA TRP A 60 12.07 5.41 -11.48
C TRP A 60 12.45 4.02 -11.94
N SER A 61 13.67 3.71 -11.63
CA SER A 61 14.32 2.44 -11.90
C SER A 61 15.23 2.24 -10.71
N LEU A 62 15.77 1.04 -10.51
CA LEU A 62 16.71 0.91 -9.42
C LEU A 62 17.87 1.89 -9.55
N GLU A 63 18.39 2.09 -10.78
N GLU A 63 18.39 2.07 -10.78
CA GLU A 63 19.54 2.95 -10.94
CA GLU A 63 19.54 2.95 -10.96
C GLU A 63 19.20 4.38 -10.55
C GLU A 63 19.21 4.37 -10.54
N TYR A 64 18.04 4.86 -10.95
CA TYR A 64 17.65 6.23 -10.60
C TYR A 64 17.44 6.39 -9.11
N ILE A 65 16.78 5.42 -8.51
CA ILE A 65 16.60 5.43 -7.07
C ILE A 65 17.93 5.44 -6.35
N GLN A 66 18.90 4.60 -6.79
CA GLN A 66 20.23 4.65 -6.17
C GLN A 66 20.87 6.01 -6.32
N GLU A 67 20.78 6.59 -7.53
CA GLU A 67 21.42 7.87 -7.74
C GLU A 67 20.86 8.97 -6.83
N ILE A 68 19.54 9.02 -6.68
N ILE A 68 19.56 9.02 -6.68
CA ILE A 68 18.90 10.11 -5.97
CA ILE A 68 18.99 10.10 -5.93
C ILE A 68 18.77 9.87 -4.47
C ILE A 68 19.05 9.81 -4.43
N ALA A 69 18.61 8.61 -4.05
CA ALA A 69 18.30 8.26 -2.67
C ALA A 69 19.27 7.30 -2.00
N GLY A 70 20.23 6.74 -2.76
CA GLY A 70 21.00 5.64 -2.27
C GLY A 70 21.69 5.88 -0.95
N ALA A 71 22.20 7.08 -0.75
CA ALA A 71 22.97 7.38 0.45
C ALA A 71 22.12 7.65 1.66
N ARG A 72 20.82 7.83 1.48
CA ARG A 72 19.95 8.16 2.61
C ARG A 72 19.56 6.97 3.50
N THR A 73 19.36 7.23 4.79
CA THR A 73 18.96 6.18 5.75
C THR A 73 17.49 6.02 5.71
N VAL A 74 17.03 4.79 5.67
CA VAL A 74 15.61 4.45 5.64
C VAL A 74 15.32 3.35 6.64
N PRO A 75 14.12 3.29 7.19
CA PRO A 75 13.70 2.17 8.02
C PRO A 75 13.28 1.03 7.11
N VAL A 76 13.62 -0.17 7.51
CA VAL A 76 13.36 -1.39 6.75
C VAL A 76 12.72 -2.40 7.67
N GLU A 77 11.62 -2.98 7.26
CA GLU A 77 10.96 -4.04 7.99
C GLU A 77 11.49 -5.35 7.46
N VAL A 78 11.95 -6.22 8.35
CA VAL A 78 12.57 -7.50 8.00
C VAL A 78 11.74 -8.63 8.58
N GLY A 79 11.31 -9.52 7.70
CA GLY A 79 10.40 -10.60 8.05
C GLY A 79 9.22 -10.73 7.10
N SER A 80 8.53 -11.86 7.10
N SER A 80 8.55 -11.88 7.09
CA SER A 80 7.54 -12.09 6.06
CA SER A 80 7.54 -12.13 6.08
C SER A 80 6.34 -11.14 6.17
C SER A 80 6.32 -11.20 6.26
N ARG A 81 5.89 -10.91 7.40
CA ARG A 81 4.66 -10.18 7.67
C ARG A 81 4.85 -9.51 9.01
N TYR A 82 4.27 -8.31 9.18
CA TYR A 82 4.54 -7.59 10.42
C TYR A 82 3.92 -8.26 11.62
N THR A 83 3.01 -9.21 11.43
CA THR A 83 2.45 -9.96 12.54
C THR A 83 3.33 -11.14 12.99
N ASP A 84 4.38 -11.47 12.24
CA ASP A 84 5.23 -12.61 12.60
C ASP A 84 6.02 -12.33 13.89
N GLU A 85 6.40 -13.41 14.58
N GLU A 85 6.31 -13.39 14.66
CA GLU A 85 7.24 -13.24 15.77
CA GLU A 85 7.07 -13.21 15.89
C GLU A 85 8.66 -12.83 15.39
C GLU A 85 8.51 -12.88 15.55
N GLU A 86 9.18 -13.33 14.26
CA GLU A 86 10.55 -13.03 13.90
C GLU A 86 10.73 -11.60 13.35
N TRP A 87 9.65 -10.88 13.13
CA TRP A 87 9.69 -9.61 12.39
C TRP A 87 10.40 -8.52 13.19
N SER A 88 11.13 -7.63 12.50
CA SER A 88 11.81 -6.54 13.19
C SER A 88 11.98 -5.39 12.23
N GLN A 89 12.41 -4.27 12.77
CA GLN A 89 12.61 -3.04 12.03
C GLN A 89 14.06 -2.63 12.25
N THR A 90 14.74 -2.22 11.19
CA THR A 90 16.11 -1.78 11.29
C THR A 90 16.31 -0.53 10.42
N LEU A 91 17.53 -0.04 10.33
CA LEU A 91 17.90 1.14 9.57
C LEU A 91 19.07 0.78 8.70
N MET A 92 19.05 1.26 7.47
N MET A 92 19.04 1.22 7.45
CA MET A 92 20.20 1.12 6.58
CA MET A 92 20.16 1.03 6.54
C MET A 92 20.08 2.15 5.48
C MET A 92 20.02 2.06 5.42
N THR A 93 21.08 2.26 4.64
CA THR A 93 20.97 3.14 3.51
C THR A 93 20.08 2.49 2.45
N VAL A 94 19.55 3.33 1.55
CA VAL A 94 18.81 2.81 0.40
C VAL A 94 19.69 1.91 -0.45
N ASN A 95 20.98 2.24 -0.63
CA ASN A 95 21.89 1.37 -1.39
C ASN A 95 22.00 0.01 -0.71
N GLU A 96 22.15 -0.02 0.62
CA GLU A 96 22.25 -1.26 1.35
C GLU A 96 20.96 -2.06 1.22
N PHE A 97 19.81 -1.41 1.33
CA PHE A 97 18.53 -2.09 1.20
C PHE A 97 18.45 -2.76 -0.18
N ILE A 98 18.77 -2.04 -1.25
CA ILE A 98 18.70 -2.61 -2.59
C ILE A 98 19.65 -3.79 -2.70
N SER A 99 20.87 -3.61 -2.23
N SER A 99 20.88 -3.63 -2.22
CA SER A 99 21.86 -4.67 -2.33
CA SER A 99 21.86 -4.70 -2.37
C SER A 99 21.40 -5.92 -1.61
C SER A 99 21.43 -5.93 -1.60
N LYS A 100 20.98 -5.79 -0.36
CA LYS A 100 20.72 -6.92 0.51
C LYS A 100 19.38 -7.56 0.26
N TYR A 101 18.36 -6.79 -0.01
CA TYR A 101 16.98 -7.28 0.00
C TYR A 101 16.35 -7.30 -1.35
N ILE A 102 16.98 -6.77 -2.41
CA ILE A 102 16.43 -6.79 -3.76
C ILE A 102 17.33 -7.55 -4.71
N VAL A 103 18.56 -7.07 -4.91
N VAL A 103 18.56 -7.07 -4.91
CA VAL A 103 19.40 -7.55 -6.02
CA VAL A 103 19.42 -7.52 -6.00
C VAL A 103 20.12 -8.84 -5.67
C VAL A 103 20.11 -8.83 -5.66
N ASN A 104 20.77 -8.92 -4.52
CA ASN A 104 21.52 -10.13 -4.19
C ASN A 104 20.48 -11.05 -3.59
N GLU A 105 20.50 -12.30 -4.02
CA GLU A 105 19.57 -13.30 -3.58
C GLU A 105 19.35 -13.09 -2.10
N PRO A 106 18.23 -12.48 -1.75
CA PRO A 106 18.02 -12.13 -0.35
C PRO A 106 17.82 -13.33 0.53
N ARG A 107 18.33 -13.21 1.75
CA ARG A 107 18.13 -14.20 2.79
C ARG A 107 16.78 -14.12 3.47
N ASP A 108 16.22 -12.92 3.53
N ASP A 108 16.22 -12.93 3.53
CA ASP A 108 14.96 -12.69 4.23
CA ASP A 108 14.94 -12.73 4.17
C ASP A 108 14.26 -11.62 3.47
C ASP A 108 14.21 -11.69 3.36
N VAL A 109 12.95 -11.51 3.72
CA VAL A 109 12.13 -10.47 3.10
C VAL A 109 12.38 -9.16 3.82
N GLY A 110 12.79 -8.14 3.09
CA GLY A 110 12.90 -6.79 3.60
C GLY A 110 12.01 -5.84 2.82
N TYR A 111 11.48 -4.86 3.51
CA TYR A 111 10.50 -3.96 2.90
C TYR A 111 10.75 -2.58 3.39
N LEU A 112 10.97 -1.61 2.52
CA LEU A 112 10.98 -0.19 2.85
C LEU A 112 9.57 0.28 2.84
N ALA A 113 8.87 0.09 3.94
CA ALA A 113 7.45 0.24 4.05
C ALA A 113 7.08 1.50 4.80
N GLN A 114 5.96 2.07 4.46
N GLN A 114 5.99 2.13 4.35
CA GLN A 114 5.34 3.16 5.21
CA GLN A 114 5.26 3.20 5.05
C GLN A 114 6.33 4.22 5.63
C GLN A 114 6.12 4.36 5.51
N HIS A 115 7.08 4.78 4.67
CA HIS A 115 8.10 5.75 5.00
C HIS A 115 7.85 7.02 4.20
N GLN A 116 7.96 8.16 4.88
CA GLN A 116 7.77 9.46 4.25
C GLN A 116 9.02 9.92 3.49
N LEU A 117 9.34 9.20 2.45
CA LEU A 117 10.56 9.36 1.65
C LEU A 117 10.60 10.68 0.94
N PHE A 118 9.43 11.22 0.59
CA PHE A 118 9.32 12.42 -0.23
C PHE A 118 9.53 13.66 0.60
N ASP A 119 9.25 13.63 1.90
CA ASP A 119 9.65 14.67 2.82
C ASP A 119 11.14 14.63 3.04
N GLN A 120 11.72 13.42 3.13
CA GLN A 120 13.17 13.28 3.28
C GLN A 120 13.95 13.72 2.06
N ILE A 121 13.42 13.46 0.86
CA ILE A 121 14.12 13.63 -0.41
C ILE A 121 13.20 14.47 -1.30
N PRO A 122 13.21 15.77 -1.16
CA PRO A 122 12.31 16.59 -1.97
C PRO A 122 12.50 16.47 -3.47
N GLU A 123 13.66 16.07 -3.95
CA GLU A 123 13.84 15.91 -5.38
C GLU A 123 12.90 14.83 -5.92
N LEU A 124 12.66 13.74 -5.16
CA LEU A 124 11.74 12.71 -5.62
C LEU A 124 10.32 13.16 -5.57
N LYS A 125 9.98 14.05 -4.66
CA LYS A 125 8.65 14.58 -4.62
C LYS A 125 8.27 15.25 -5.93
N GLN A 126 9.25 15.78 -6.70
CA GLN A 126 8.97 16.36 -7.99
C GLN A 126 8.46 15.38 -9.06
N ASP A 127 8.61 14.11 -8.84
CA ASP A 127 8.27 13.06 -9.78
C ASP A 127 6.84 12.52 -9.58
N ILE A 128 6.12 13.02 -8.54
CA ILE A 128 4.77 12.56 -8.21
C ILE A 128 3.86 13.77 -8.11
N SER A 129 2.56 13.50 -7.97
N SER A 129 2.57 13.52 -7.98
CA SER A 129 1.57 14.56 -7.82
CA SER A 129 1.65 14.63 -7.75
C SER A 129 0.50 14.06 -6.88
C SER A 129 0.50 14.10 -6.90
N ILE A 130 0.02 14.94 -6.01
CA ILE A 130 -1.12 14.59 -5.16
C ILE A 130 -2.35 14.52 -6.04
N PRO A 131 -3.11 13.47 -6.00
CA PRO A 131 -4.35 13.40 -6.81
C PRO A 131 -5.32 14.49 -6.48
N ASP A 132 -5.92 15.09 -7.54
CA ASP A 132 -6.85 16.18 -7.37
C ASP A 132 -8.05 15.77 -6.53
N TYR A 133 -8.37 14.48 -6.52
CA TYR A 133 -9.47 13.96 -5.72
C TYR A 133 -9.32 14.20 -4.21
N CYS A 134 -8.07 14.34 -3.70
CA CYS A 134 -7.89 14.59 -2.27
C CYS A 134 -8.54 15.90 -1.81
N SER A 135 -8.71 16.84 -2.73
CA SER A 135 -9.33 18.11 -2.38
C SER A 135 -10.80 17.94 -2.01
N LEU A 136 -11.41 16.79 -2.28
CA LEU A 136 -12.78 16.47 -1.84
C LEU A 136 -12.86 16.18 -0.36
N GLY A 137 -11.71 16.01 0.27
CA GLY A 137 -11.64 15.72 1.70
C GLY A 137 -11.96 16.95 2.52
N ASP A 138 -12.16 16.71 3.80
CA ASP A 138 -12.35 17.78 4.75
C ASP A 138 -11.06 18.23 5.42
N GLY A 139 -9.93 17.62 5.12
CA GLY A 139 -8.66 18.00 5.69
C GLY A 139 -7.86 18.99 4.84
N GLU A 140 -6.75 19.47 5.40
CA GLU A 140 -5.86 20.37 4.69
C GLU A 140 -4.82 19.61 3.87
N GLU A 141 -4.48 20.14 2.70
CA GLU A 141 -3.47 19.49 1.89
C GLU A 141 -2.18 19.31 2.68
N GLU A 142 -1.83 20.32 3.53
CA GLU A 142 -0.61 20.26 4.31
C GLU A 142 -0.61 19.07 5.25
N GLU A 143 -1.78 18.47 5.52
CA GLU A 143 -1.86 17.35 6.43
C GLU A 143 -1.84 15.99 5.73
N ILE A 144 -1.87 15.98 4.40
CA ILE A 144 -1.78 14.71 3.66
C ILE A 144 -0.41 14.12 3.90
N THR A 145 -0.38 12.83 4.18
N THR A 145 -0.36 12.84 4.22
CA THR A 145 0.87 12.11 4.36
CA THR A 145 0.91 12.15 4.37
C THR A 145 1.14 11.29 3.12
C THR A 145 1.17 11.26 3.17
N ILE A 146 2.38 11.28 2.66
CA ILE A 146 2.78 10.56 1.45
C ILE A 146 3.81 9.53 1.83
N ASN A 147 3.50 8.26 1.63
CA ASN A 147 4.39 7.18 2.03
C ASN A 147 4.88 6.37 0.85
N ALA A 148 6.12 5.98 0.90
CA ALA A 148 6.73 5.06 -0.04
C ALA A 148 6.61 3.64 0.47
N TRP A 149 6.41 2.71 -0.45
CA TRP A 149 6.40 1.26 -0.19
C TRP A 149 7.26 0.65 -1.27
N PHE A 150 8.46 0.27 -0.97
CA PHE A 150 9.43 -0.16 -1.96
C PHE A 150 10.04 -1.47 -1.47
N GLY A 151 9.94 -2.51 -2.29
CA GLY A 151 10.42 -3.81 -1.85
C GLY A 151 10.44 -4.81 -2.95
N PRO A 152 11.01 -5.97 -2.67
CA PRO A 152 11.06 -7.06 -3.66
C PRO A 152 9.72 -7.71 -3.86
N GLN A 153 9.65 -8.53 -4.90
CA GLN A 153 8.59 -9.49 -5.00
C GLN A 153 8.41 -10.22 -3.70
N GLY A 154 7.18 -10.42 -3.27
CA GLY A 154 6.86 -11.28 -2.19
C GLY A 154 6.62 -10.58 -0.87
N THR A 155 6.79 -9.28 -0.78
CA THR A 155 6.39 -8.58 0.45
C THR A 155 4.90 -8.80 0.66
N ILE A 156 4.49 -8.91 1.89
CA ILE A 156 3.09 -9.10 2.30
C ILE A 156 2.76 -8.14 3.41
N SER A 157 1.69 -7.35 3.25
CA SER A 157 1.12 -6.55 4.28
C SER A 157 -0.16 -7.25 4.72
N PRO A 158 -0.22 -7.84 5.92
CA PRO A 158 -1.37 -8.62 6.35
C PRO A 158 -2.61 -7.74 6.42
N LEU A 159 -3.77 -8.38 6.41
CA LEU A 159 -5.05 -7.71 6.36
C LEU A 159 -5.22 -6.77 7.54
N HIS A 160 -5.50 -5.50 7.25
CA HIS A 160 -5.63 -4.46 8.26
C HIS A 160 -6.46 -3.32 7.71
N GLN A 161 -6.82 -2.39 8.59
CA GLN A 161 -7.57 -1.20 8.19
C GLN A 161 -6.92 0.04 8.74
N ASP A 162 -7.06 1.14 8.01
CA ASP A 162 -6.42 2.41 8.34
C ASP A 162 -7.48 3.46 8.64
N PRO A 163 -7.09 4.50 9.38
CA PRO A 163 -8.09 5.47 9.88
C PRO A 163 -8.30 6.65 8.96
N GLN A 164 -7.75 6.69 7.76
CA GLN A 164 -7.93 7.75 6.77
C GLN A 164 -8.24 7.13 5.44
N GLN A 165 -8.66 7.92 4.49
CA GLN A 165 -8.77 7.54 3.08
C GLN A 165 -7.36 7.34 2.53
N ASN A 166 -7.26 6.48 1.49
CA ASN A 166 -5.94 6.24 0.89
C ASN A 166 -6.08 6.16 -0.61
N PHE A 167 -5.15 6.82 -1.31
CA PHE A 167 -4.87 6.49 -2.71
C PHE A 167 -3.52 5.78 -2.79
N LEU A 168 -3.53 4.53 -3.20
CA LEU A 168 -2.33 3.73 -3.35
C LEU A 168 -1.96 3.68 -4.81
N VAL A 169 -0.86 4.34 -5.18
CA VAL A 169 -0.41 4.50 -6.57
C VAL A 169 0.66 3.53 -6.89
N GLN A 170 0.51 2.69 -7.91
CA GLN A 170 1.53 1.74 -8.29
C GLN A 170 2.46 2.35 -9.31
N VAL A 171 3.74 2.41 -9.06
CA VAL A 171 4.72 2.95 -9.98
C VAL A 171 5.52 1.86 -10.66
N MET A 172 6.16 0.98 -9.90
N MET A 172 6.06 0.92 -9.92
CA MET A 172 6.93 -0.14 -10.44
CA MET A 172 6.89 -0.16 -10.44
C MET A 172 6.25 -1.43 -9.98
C MET A 172 6.27 -1.46 -9.98
N GLY A 173 6.17 -2.42 -10.88
CA GLY A 173 5.69 -3.72 -10.49
C GLY A 173 4.18 -3.78 -10.25
N ARG A 174 3.72 -4.94 -9.82
CA ARG A 174 2.34 -5.25 -9.59
C ARG A 174 2.08 -5.75 -8.20
N LYS A 175 0.90 -5.51 -7.67
CA LYS A 175 0.47 -6.01 -6.38
C LYS A 175 -0.88 -6.71 -6.46
N TYR A 176 -1.01 -7.80 -5.71
CA TYR A 176 -2.27 -8.53 -5.58
C TYR A 176 -2.87 -7.93 -4.31
N ILE A 177 -4.12 -7.48 -4.39
CA ILE A 177 -4.75 -6.77 -3.28
C ILE A 177 -6.11 -7.36 -3.06
N ARG A 178 -6.45 -7.64 -1.81
N ARG A 178 -6.43 -7.68 -1.84
CA ARG A 178 -7.72 -8.19 -1.36
CA ARG A 178 -7.77 -8.05 -1.46
C ARG A 178 -8.34 -7.17 -0.40
C ARG A 178 -8.33 -7.01 -0.51
N LEU A 179 -9.62 -6.82 -0.63
CA LEU A 179 -10.35 -5.79 0.10
C LEU A 179 -11.62 -6.34 0.73
N TYR A 180 -11.82 -6.14 2.02
CA TYR A 180 -13.01 -6.54 2.76
C TYR A 180 -13.63 -5.34 3.40
N SER A 181 -14.93 -5.16 3.20
N SER A 181 -14.92 -5.15 3.20
CA SER A 181 -15.66 -4.03 3.73
CA SER A 181 -15.54 -3.96 3.70
C SER A 181 -15.62 -4.02 5.25
C SER A 181 -15.61 -4.00 5.23
N PRO A 182 -15.69 -2.82 5.88
CA PRO A 182 -15.85 -2.79 7.33
C PRO A 182 -17.11 -3.47 7.82
N GLN A 183 -18.10 -3.61 6.98
CA GLN A 183 -19.28 -4.41 7.33
C GLN A 183 -18.95 -5.90 7.60
N GLU A 184 -17.81 -6.40 7.07
CA GLU A 184 -17.41 -7.77 7.27
C GLU A 184 -16.49 -7.97 8.47
N SER A 185 -16.26 -6.95 9.30
CA SER A 185 -15.23 -7.03 10.36
C SER A 185 -15.35 -8.27 11.27
N GLY A 186 -16.57 -8.68 11.59
CA GLY A 186 -16.73 -9.85 12.46
C GLY A 186 -16.20 -11.18 11.90
N ALA A 187 -16.01 -11.22 10.58
CA ALA A 187 -15.62 -12.41 9.90
C ALA A 187 -14.11 -12.36 9.72
N LEU A 188 -13.52 -11.26 10.17
CA LEU A 188 -12.07 -11.02 10.00
C LEU A 188 -11.29 -11.18 11.27
N TYR A 189 -11.99 -11.41 12.37
CA TYR A 189 -11.34 -11.75 13.64
C TYR A 189 -10.22 -10.78 14.02
N PRO A 190 -10.54 -9.51 14.20
CA PRO A 190 -9.51 -8.55 14.65
C PRO A 190 -8.83 -9.00 15.92
N HIS A 191 -7.55 -8.72 16.03
CA HIS A 191 -6.87 -8.90 17.31
C HIS A 191 -7.58 -8.14 18.44
N ASP A 192 -7.57 -8.77 19.62
N ASP A 192 -7.57 -8.78 19.61
CA ASP A 192 -8.36 -8.25 20.72
CA ASP A 192 -8.34 -8.27 20.75
C ASP A 192 -7.65 -7.11 21.44
C ASP A 192 -7.65 -7.11 21.44
N THR A 193 -6.33 -7.06 21.39
CA THR A 193 -5.63 -5.99 22.09
C THR A 193 -5.85 -4.65 21.37
N HIS A 194 -5.82 -3.57 22.14
CA HIS A 194 -6.05 -2.27 21.53
C HIS A 194 -5.00 -1.96 20.47
N LEU A 195 -3.75 -2.35 20.73
CA LEU A 195 -2.65 -2.03 19.81
C LEU A 195 -2.84 -2.68 18.44
N LEU A 196 -3.34 -3.91 18.40
CA LEU A 196 -3.49 -4.64 17.16
C LEU A 196 -4.92 -4.70 16.67
N HIS A 197 -5.86 -3.89 17.19
CA HIS A 197 -7.25 -4.12 16.90
C HIS A 197 -7.61 -3.76 15.47
N ASN A 198 -6.68 -3.03 14.77
N ASN A 198 -6.79 -3.00 14.76
CA ASN A 198 -6.74 -2.65 13.35
CA ASN A 198 -7.04 -2.75 13.34
C ASN A 198 -6.31 -3.75 12.41
C ASN A 198 -6.30 -3.74 12.43
N THR A 199 -5.88 -4.88 12.93
CA THR A 199 -5.26 -5.94 12.14
C THR A 199 -6.03 -7.22 12.36
N SER A 200 -6.27 -7.95 11.30
CA SER A 200 -6.92 -9.26 11.37
C SER A 200 -5.97 -10.32 11.90
N GLN A 201 -6.53 -11.31 12.60
CA GLN A 201 -5.79 -12.51 12.97
C GLN A 201 -5.62 -13.47 11.84
N VAL A 202 -6.30 -13.32 10.72
CA VAL A 202 -6.33 -14.31 9.65
C VAL A 202 -5.24 -14.07 8.60
N ASP A 203 -4.60 -15.15 8.14
N ASP A 203 -4.61 -15.13 8.10
CA ASP A 203 -3.76 -15.09 6.95
CA ASP A 203 -3.65 -14.98 6.99
C ASP A 203 -4.68 -15.19 5.75
C ASP A 203 -4.44 -15.19 5.71
N VAL A 204 -4.83 -14.11 5.01
CA VAL A 204 -5.77 -14.11 3.92
C VAL A 204 -5.57 -15.24 2.94
N GLU A 205 -4.35 -15.49 2.52
CA GLU A 205 -4.13 -16.45 1.43
C GLU A 205 -3.96 -17.86 1.93
N ASN A 206 -3.98 -18.13 3.21
CA ASN A 206 -4.01 -19.48 3.74
C ASN A 206 -4.72 -19.47 5.08
N PRO A 207 -5.98 -19.18 5.10
CA PRO A 207 -6.65 -18.95 6.38
C PRO A 207 -6.85 -20.25 7.11
N ASP A 208 -6.76 -20.19 8.43
CA ASP A 208 -7.05 -21.35 9.30
C ASP A 208 -8.56 -21.37 9.45
N LEU A 209 -9.24 -22.15 8.63
CA LEU A 209 -10.70 -22.14 8.65
C LEU A 209 -11.26 -22.98 9.79
N GLU A 210 -10.43 -23.75 10.49
N GLU A 210 -10.44 -23.78 10.48
CA GLU A 210 -10.87 -24.40 11.70
CA GLU A 210 -10.90 -24.40 11.72
C GLU A 210 -11.01 -23.41 12.82
C GLU A 210 -11.03 -23.37 12.83
N LYS A 211 -10.05 -22.49 12.92
N LYS A 211 -10.08 -22.45 12.90
CA LYS A 211 -10.12 -21.48 13.95
CA LYS A 211 -10.06 -21.43 13.93
C LYS A 211 -10.98 -20.29 13.55
C LYS A 211 -10.82 -20.17 13.54
N PHE A 212 -11.00 -19.93 12.27
CA PHE A 212 -11.62 -18.72 11.75
C PHE A 212 -12.65 -19.06 10.70
N PRO A 213 -13.68 -19.85 11.06
CA PRO A 213 -14.60 -20.34 10.02
C PRO A 213 -15.37 -19.26 9.33
N LYS A 214 -15.70 -18.16 9.99
CA LYS A 214 -16.51 -17.16 9.31
C LYS A 214 -15.77 -16.47 8.16
N PHE A 215 -14.45 -16.56 8.13
CA PHE A 215 -13.70 -15.87 7.11
C PHE A 215 -14.05 -16.40 5.73
N ALA A 216 -14.33 -17.70 5.64
CA ALA A 216 -14.42 -18.36 4.32
C ALA A 216 -15.51 -17.82 3.46
N LYS A 217 -16.61 -17.39 4.07
CA LYS A 217 -17.76 -16.98 3.34
C LYS A 217 -17.82 -15.49 3.26
N ALA A 218 -16.87 -14.76 3.84
CA ALA A 218 -16.92 -13.32 3.81
C ALA A 218 -16.67 -12.80 2.39
N PRO A 219 -17.54 -11.95 1.84
CA PRO A 219 -17.29 -11.44 0.48
C PRO A 219 -16.16 -10.44 0.44
N PHE A 220 -15.56 -10.29 -0.74
CA PHE A 220 -14.43 -9.38 -0.91
C PHE A 220 -14.28 -8.96 -2.35
N LEU A 221 -13.49 -7.94 -2.56
CA LEU A 221 -13.04 -7.52 -3.87
C LEU A 221 -11.56 -7.86 -3.99
N SER A 222 -11.10 -8.03 -5.19
CA SER A 222 -9.66 -8.17 -5.39
C SER A 222 -9.22 -7.55 -6.68
N CYS A 223 -7.94 -7.33 -6.82
CA CYS A 223 -7.38 -6.80 -8.05
C CYS A 223 -5.90 -7.13 -8.10
N ILE A 224 -5.33 -7.04 -9.30
CA ILE A 224 -3.91 -6.86 -9.49
C ILE A 224 -3.68 -5.42 -9.94
N LEU A 225 -3.02 -4.66 -9.09
CA LEU A 225 -2.74 -3.25 -9.33
C LEU A 225 -1.45 -3.13 -10.12
N SER A 226 -1.48 -2.50 -11.27
N SER A 226 -1.50 -2.52 -11.29
CA SER A 226 -0.37 -2.39 -12.22
CA SER A 226 -0.36 -2.43 -12.19
C SER A 226 0.17 -0.98 -12.28
C SER A 226 0.16 -1.00 -12.30
N PRO A 227 1.36 -0.82 -12.85
CA PRO A 227 1.93 0.52 -12.94
C PRO A 227 0.99 1.51 -13.57
N GLY A 228 0.92 2.69 -13.01
CA GLY A 228 0.14 3.79 -13.50
C GLY A 228 -1.26 3.80 -12.95
N GLU A 229 -1.68 2.81 -12.21
CA GLU A 229 -3.01 2.67 -11.64
C GLU A 229 -3.03 3.20 -10.22
N ILE A 230 -4.16 3.74 -9.78
CA ILE A 230 -4.39 4.23 -8.43
C ILE A 230 -5.50 3.44 -7.82
N LEU A 231 -5.29 2.78 -6.69
CA LEU A 231 -6.39 2.16 -5.94
C LEU A 231 -6.86 3.10 -4.87
N PHE A 232 -8.16 3.41 -4.84
CA PHE A 232 -8.79 4.08 -3.74
C PHE A 232 -9.22 3.07 -2.70
N ILE A 233 -8.64 3.20 -1.50
CA ILE A 233 -8.97 2.35 -0.37
C ILE A 233 -9.79 3.23 0.60
N PRO A 234 -11.10 3.09 0.66
CA PRO A 234 -11.90 3.92 1.56
C PRO A 234 -11.44 3.79 2.99
N VAL A 235 -11.63 4.85 3.78
CA VAL A 235 -11.31 4.81 5.20
C VAL A 235 -11.93 3.59 5.86
N LYS A 236 -11.09 2.88 6.63
N LYS A 236 -11.10 2.89 6.64
CA LYS A 236 -11.45 1.70 7.39
CA LYS A 236 -11.44 1.70 7.40
C LYS A 236 -11.69 0.45 6.55
C LYS A 236 -11.69 0.46 6.55
N TYR A 237 -11.58 0.51 5.21
CA TYR A 237 -11.68 -0.71 4.42
C TYR A 237 -10.50 -1.61 4.73
N TRP A 238 -10.76 -2.89 4.95
CA TRP A 238 -9.71 -3.82 5.26
C TRP A 238 -8.99 -4.19 3.96
N HIS A 239 -7.67 -4.20 3.98
CA HIS A 239 -6.87 -4.49 2.81
C HIS A 239 -5.68 -5.37 3.14
N TYR A 240 -5.33 -6.19 2.18
CA TYR A 240 -4.23 -7.13 2.23
C TYR A 240 -3.46 -6.98 0.93
N VAL A 241 -2.14 -6.96 0.94
CA VAL A 241 -1.34 -6.59 -0.22
C VAL A 241 -0.14 -7.50 -0.37
N ARG A 242 0.03 -8.13 -1.52
CA ARG A 242 1.22 -8.92 -1.78
C ARG A 242 1.88 -8.44 -3.08
N ALA A 243 3.16 -8.11 -3.02
CA ALA A 243 3.89 -7.69 -4.24
C ALA A 243 4.18 -8.91 -5.12
N LEU A 244 3.85 -8.80 -6.38
CA LEU A 244 4.07 -9.87 -7.35
C LEU A 244 5.39 -9.74 -8.06
N ASP A 245 6.02 -8.60 -8.03
CA ASP A 245 7.25 -8.25 -8.71
C ASP A 245 7.98 -7.31 -7.77
N LEU A 246 9.23 -6.95 -8.12
CA LEU A 246 9.88 -5.78 -7.53
C LEU A 246 8.90 -4.63 -7.67
N SER A 247 8.61 -3.94 -6.57
CA SER A 247 7.50 -3.03 -6.51
C SER A 247 7.85 -1.71 -5.84
N PHE A 248 7.24 -0.64 -6.32
CA PHE A 248 7.32 0.66 -5.67
C PHE A 248 5.95 1.26 -5.76
N SER A 249 5.28 1.50 -4.64
CA SER A 249 3.99 2.16 -4.57
C SER A 249 4.14 3.42 -3.74
N VAL A 250 3.27 4.37 -3.97
CA VAL A 250 3.20 5.61 -3.25
C VAL A 250 1.80 5.78 -2.72
N SER A 251 1.59 5.92 -1.43
N SER A 251 1.65 6.06 -1.46
CA SER A 251 0.29 6.12 -0.84
CA SER A 251 0.35 6.15 -0.85
C SER A 251 0.12 7.54 -0.38
C SER A 251 0.09 7.54 -0.28
N PHE A 252 -1.09 8.03 -0.55
CA PHE A 252 -1.53 9.33 -0.08
C PHE A 252 -2.61 9.12 0.93
N TRP A 254 -5.27 10.68 3.50
CA TRP A 254 -5.96 11.95 3.49
C TRP A 254 -7.32 11.78 4.10
N SER A 255 -7.93 12.93 4.53
N SER A 255 -7.99 12.92 4.34
CA SER A 255 -9.29 12.96 5.05
CA SER A 255 -9.40 12.91 4.75
C SER A 255 -10.05 14.16 4.52
C SER A 255 -10.08 14.19 4.28
N CYS B 1 -1.18 4.65 3.65
N CYS B 1 -1.25 4.51 3.71
CA CYS B 1 -1.25 5.16 5.03
CA CYS B 1 -1.23 4.91 5.13
C CYS B 1 -0.18 4.47 5.86
C CYS B 1 -0.17 4.29 5.90
N ALA B 2 0.46 5.07 6.77
CA ALA B 2 1.45 4.46 7.64
C ALA B 2 0.73 3.47 8.56
N ARG B 3 1.47 2.47 9.04
CA ARG B 3 0.89 1.38 9.84
C ARG B 3 0.46 1.89 11.21
#